data_3VEK
#
_entry.id   3VEK
#
_cell.length_a   35.195
_cell.length_b   62.415
_cell.length_c   66.046
_cell.angle_alpha   72.390
_cell.angle_beta   74.570
_cell.angle_gamma   73.630
#
_symmetry.space_group_name_H-M   'P 1'
#
loop_
_entity.id
_entity.type
_entity.pdbx_description
1 polymer "DNA (5'-D(*TP*TP*GP*TP*CP*TP*TP*AP*TP*CP*AP*GP*AP*TP*GP*GP*AP*CP*TP*C)-3')"
2 polymer "DNA (5'-D(*AP*AP*GP*AP*GP*TP*CP*CP*AP*TP*CP*TP*GP*AP*TP*AP*AP*GP*AP*C)-3')"
3 polymer 'Erythroid transcription factor'
4 non-polymer 'ZINC ION'
#
loop_
_entity_poly.entity_id
_entity_poly.type
_entity_poly.pdbx_seq_one_letter_code
_entity_poly.pdbx_strand_id
1 'polydeoxyribonucleotide' (DT)(DT)(DG)(DT)(DC)(DT)(DT)(DA)(DT)(DC)(DA)(DG)(DA)(DT)(DG)(DG)(DA)(DC)(DT)(DC) A,D
2 'polydeoxyribonucleotide' (DA)(DA)(DG)(DA)(DG)(DT)(DC)(DC)(DA)(DT)(DC)(DT)(DG)(DA)(DT)(DA)(DA)(DG)(DA)(DC) B,E
3 'polypeptide(L)'
;EARECVNCGATATPLWRRDRTGHYLCNACGLYHKMNGQNRPLIRPKKRMIVSKRAGTQCTNCQTTTTTLWRRNASGDPVC
NACGLYFKLHQVNRPLTMRKDGIQTRNRKASGKGKKKRG
;
C,F
#
loop_
_chem_comp.id
_chem_comp.type
_chem_comp.name
_chem_comp.formula
DA DNA linking 2'-DEOXYADENOSINE-5'-MONOPHOSPHATE 'C10 H14 N5 O6 P'
DC DNA linking 2'-DEOXYCYTIDINE-5'-MONOPHOSPHATE 'C9 H14 N3 O7 P'
DG DNA linking 2'-DEOXYGUANOSINE-5'-MONOPHOSPHATE 'C10 H14 N5 O7 P'
DT DNA linking THYMIDINE-5'-MONOPHOSPHATE 'C10 H15 N2 O8 P'
ZN non-polymer 'ZINC ION' 'Zn 2'
#
# COMPACT_ATOMS: atom_id res chain seq x y z
N ALA C 2 8.56 2.52 28.17
CA ALA C 2 8.01 2.04 26.87
C ALA C 2 8.76 0.81 26.40
N ARG C 3 8.03 -0.11 25.74
CA ARG C 3 8.61 -1.38 25.30
C ARG C 3 9.65 -1.16 24.21
N GLU C 4 10.82 -1.75 24.41
CA GLU C 4 11.95 -1.57 23.50
C GLU C 4 12.50 -2.94 23.13
N CYS C 5 12.86 -3.09 21.85
CA CYS C 5 13.51 -4.31 21.36
C CYS C 5 14.91 -4.40 21.94
N VAL C 6 15.21 -5.51 22.63
CA VAL C 6 16.52 -5.67 23.28
C VAL C 6 17.67 -5.85 22.28
N ASN C 7 17.33 -6.06 21.00
CA ASN C 7 18.34 -6.26 19.97
C ASN C 7 18.71 -4.98 19.22
N CYS C 8 17.71 -4.37 18.57
CA CYS C 8 17.94 -3.18 17.73
C CYS C 8 17.54 -1.87 18.41
N GLY C 9 16.67 -1.94 19.42
CA GLY C 9 16.23 -0.76 20.15
C GLY C 9 15.02 -0.07 19.57
N ALA C 10 14.34 -0.74 18.63
CA ALA C 10 13.13 -0.19 18.01
C ALA C 10 11.97 -0.22 18.98
N THR C 11 11.16 0.83 18.97
CA THR C 11 9.99 0.95 19.85
C THR C 11 8.66 0.76 19.10
N ALA C 12 8.72 0.64 17.78
CA ALA C 12 7.54 0.41 16.95
C ALA C 12 7.74 -0.84 16.11
N THR C 13 6.66 -1.60 15.93
CA THR C 13 6.73 -2.89 15.23
C THR C 13 5.32 -3.44 15.02
N PRO C 14 5.09 -4.13 13.89
CA PRO C 14 3.76 -4.71 13.66
C PRO C 14 3.40 -5.87 14.61
N LEU C 15 4.40 -6.53 15.19
CA LEU C 15 4.16 -7.65 16.10
C LEU C 15 5.35 -7.86 17.04
N TRP C 16 5.15 -7.59 18.32
CA TRP C 16 6.16 -7.86 19.34
C TRP C 16 6.27 -9.35 19.58
N ARG C 17 7.50 -9.86 19.62
CA ARG C 17 7.79 -11.26 19.91
C ARG C 17 8.70 -11.33 21.13
N ARG C 18 9.05 -12.54 21.55
CA ARG C 18 9.90 -12.75 22.72
C ARG C 18 11.03 -13.74 22.46
N ASP C 19 12.13 -13.58 23.20
CA ASP C 19 13.23 -14.54 23.16
C ASP C 19 13.03 -15.62 24.23
N ARG C 20 13.97 -16.55 24.34
CA ARG C 20 13.83 -17.69 25.26
C ARG C 20 13.84 -17.27 26.73
N THR C 21 14.60 -16.22 27.03
CA THR C 21 14.66 -15.69 28.40
C THR C 21 13.40 -14.89 28.76
N GLY C 22 12.67 -14.45 27.74
CA GLY C 22 11.39 -13.77 27.93
C GLY C 22 11.39 -12.31 27.50
N HIS C 23 12.54 -11.78 27.12
CA HIS C 23 12.67 -10.36 26.77
C HIS C 23 12.18 -10.09 25.36
N TYR C 24 11.85 -8.83 25.09
CA TYR C 24 11.12 -8.46 23.89
C TYR C 24 12.00 -8.19 22.68
N LEU C 25 11.50 -8.62 21.51
CA LEU C 25 12.12 -8.33 20.22
C LEU C 25 11.04 -7.87 19.25
N CYS C 26 11.39 -6.94 18.37
CA CYS C 26 10.49 -6.54 17.29
C CYS C 26 10.31 -7.72 16.34
N ASN C 27 9.30 -7.63 15.47
CA ASN C 27 8.99 -8.73 14.55
C ASN C 27 10.20 -9.18 13.73
N ALA C 28 10.98 -8.22 13.24
CA ALA C 28 12.13 -8.50 12.38
C ALA C 28 13.24 -9.24 13.14
N CYS C 29 13.54 -8.76 14.34
CA CYS C 29 14.57 -9.39 15.18
C CYS C 29 14.11 -10.75 15.69
N GLY C 30 12.81 -10.86 15.97
CA GLY C 30 12.24 -12.09 16.51
C GLY C 30 12.27 -13.25 15.53
N LEU C 31 11.87 -12.99 14.29
CA LEU C 31 11.87 -14.01 13.22
C LEU C 31 13.30 -14.43 12.85
N TYR C 32 14.21 -13.46 12.84
CA TYR C 32 15.60 -13.71 12.46
C TYR C 32 16.28 -14.62 13.47
N HIS C 33 16.18 -14.29 14.76
CA HIS C 33 16.83 -15.07 15.81
C HIS C 33 16.25 -16.48 15.94
N LYS C 34 14.95 -16.62 15.66
CA LYS C 34 14.30 -17.93 15.70
C LYS C 34 14.67 -18.77 14.48
N MET C 35 14.82 -18.12 13.33
CA MET C 35 15.21 -18.79 12.08
C MET C 35 16.68 -19.16 12.10
N ASN C 36 17.53 -18.16 12.33
CA ASN C 36 18.98 -18.29 12.15
C ASN C 36 19.73 -18.72 13.41
N GLY C 37 19.22 -18.37 14.58
CA GLY C 37 19.89 -18.68 15.83
C GLY C 37 21.04 -17.73 16.13
N GLN C 38 20.88 -16.48 15.72
CA GLN C 38 21.86 -15.43 15.99
C GLN C 38 21.19 -14.07 15.84
N ASN C 39 21.80 -13.05 16.43
CA ASN C 39 21.19 -11.72 16.49
C ASN C 39 21.16 -11.04 15.12
N ARG C 40 20.08 -10.32 14.86
CA ARG C 40 19.89 -9.60 13.60
C ARG C 40 20.90 -8.44 13.51
N PRO C 41 21.64 -8.35 12.39
CA PRO C 41 22.63 -7.29 12.24
C PRO C 41 21.99 -5.91 12.04
N LEU C 42 22.79 -4.86 12.20
CA LEU C 42 22.31 -3.49 12.13
C LEU C 42 23.14 -2.67 11.13
N THR C 57 -7.92 1.73 7.05
CA THR C 57 -8.24 0.35 7.37
C THR C 57 -9.11 0.25 8.62
N GLN C 58 -10.34 -0.25 8.45
CA GLN C 58 -11.30 -0.38 9.55
C GLN C 58 -11.99 -1.75 9.53
N CYS C 59 -12.65 -2.10 10.63
CA CYS C 59 -13.37 -3.37 10.75
C CYS C 59 -14.63 -3.38 9.90
N THR C 60 -14.93 -4.52 9.31
CA THR C 60 -16.14 -4.69 8.51
C THR C 60 -17.37 -4.73 9.40
N ASN C 61 -17.26 -5.47 10.51
CA ASN C 61 -18.36 -5.63 11.45
C ASN C 61 -18.55 -4.37 12.32
N CYS C 62 -17.67 -4.14 13.29
CA CYS C 62 -17.88 -3.09 14.31
C CYS C 62 -17.38 -1.70 13.92
N GLN C 63 -16.76 -1.58 12.74
CA GLN C 63 -16.31 -0.29 12.20
C GLN C 63 -15.23 0.43 13.04
N THR C 64 -14.50 -0.32 13.86
CA THR C 64 -13.40 0.24 14.65
C THR C 64 -12.15 0.38 13.78
N THR C 65 -11.24 1.27 14.19
CA THR C 65 -9.99 1.50 13.46
C THR C 65 -8.75 1.40 14.36
N THR C 66 -8.90 0.72 15.52
CA THR C 66 -7.79 0.54 16.45
C THR C 66 -7.76 -0.87 16.99
N THR C 67 -6.70 -1.62 16.64
CA THR C 67 -6.53 -3.00 17.06
C THR C 67 -5.06 -3.39 16.98
N THR C 68 -4.64 -4.29 17.86
CA THR C 68 -3.25 -4.76 17.85
C THR C 68 -3.00 -5.82 16.78
N LEU C 69 -4.08 -6.42 16.26
CA LEU C 69 -3.96 -7.46 15.25
C LEU C 69 -5.22 -7.55 14.37
N TRP C 70 -5.07 -7.21 13.10
CA TRP C 70 -6.15 -7.35 12.12
C TRP C 70 -6.27 -8.80 11.68
N ARG C 71 -7.50 -9.24 11.45
CA ARG C 71 -7.78 -10.59 10.94
C ARG C 71 -8.71 -10.48 9.74
N ARG C 72 -9.00 -11.61 9.11
CA ARG C 72 -9.86 -11.65 7.94
C ARG C 72 -11.07 -12.56 8.17
N ASN C 73 -12.24 -12.12 7.71
CA ASN C 73 -13.45 -12.95 7.76
C ASN C 73 -13.51 -13.92 6.59
N ALA C 74 -14.55 -14.75 6.54
CA ALA C 74 -14.70 -15.77 5.50
C ALA C 74 -14.55 -15.20 4.09
N SER C 75 -15.22 -14.07 3.84
CA SER C 75 -15.19 -13.41 2.52
C SER C 75 -13.82 -12.82 2.18
N GLY C 76 -13.03 -12.51 3.21
CA GLY C 76 -11.69 -11.96 3.03
C GLY C 76 -11.58 -10.46 3.32
N ASP C 77 -12.53 -9.94 4.09
CA ASP C 77 -12.52 -8.54 4.51
C ASP C 77 -11.84 -8.43 5.87
N PRO C 78 -11.27 -7.25 6.18
CA PRO C 78 -10.59 -7.09 7.45
C PRO C 78 -11.55 -6.96 8.62
N VAL C 79 -11.23 -7.61 9.74
CA VAL C 79 -11.98 -7.47 10.99
C VAL C 79 -10.99 -7.32 12.14
N CYS C 80 -11.40 -6.65 13.21
CA CYS C 80 -10.52 -6.45 14.36
C CYS C 80 -10.24 -7.79 15.04
N ASN C 81 -9.29 -7.79 15.97
CA ASN C 81 -8.95 -8.99 16.72
C ASN C 81 -10.17 -9.57 17.45
N ALA C 82 -10.91 -8.71 18.14
CA ALA C 82 -12.06 -9.14 18.92
C ALA C 82 -13.17 -9.72 18.04
N CYS C 83 -13.56 -8.97 17.00
CA CYS C 83 -14.59 -9.42 16.06
C CYS C 83 -14.19 -10.72 15.35
N GLY C 84 -12.92 -10.82 14.99
CA GLY C 84 -12.39 -12.02 14.32
C GLY C 84 -12.44 -13.24 15.21
N LEU C 85 -11.89 -13.10 16.43
CA LEU C 85 -11.87 -14.20 17.39
C LEU C 85 -13.27 -14.59 17.87
N TYR C 86 -14.19 -13.63 17.88
CA TYR C 86 -15.57 -13.88 18.34
C TYR C 86 -16.33 -14.78 17.37
N PHE C 87 -16.27 -14.47 16.08
CA PHE C 87 -16.96 -15.27 15.05
C PHE C 87 -16.40 -16.69 15.00
N LYS C 88 -15.08 -16.79 15.16
CA LYS C 88 -14.39 -18.08 15.22
C LYS C 88 -14.95 -18.98 16.32
N LEU C 89 -15.47 -18.36 17.38
CA LEU C 89 -15.92 -19.08 18.58
C LEU C 89 -17.46 -19.14 18.71
N HIS C 90 -18.17 -18.36 17.90
CA HIS C 90 -19.65 -18.32 17.94
C HIS C 90 -20.33 -18.64 16.62
N GLN C 91 -19.58 -18.57 15.51
CA GLN C 91 -20.15 -18.65 14.16
C GLN C 91 -21.24 -17.60 13.94
N VAL C 92 -21.07 -16.45 14.59
CA VAL C 92 -21.99 -15.31 14.48
C VAL C 92 -21.18 -14.05 14.72
N ASN C 93 -21.48 -12.98 13.98
CA ASN C 93 -20.73 -11.73 14.11
C ASN C 93 -20.84 -11.15 15.51
N ARG C 94 -19.80 -10.44 15.92
CA ARG C 94 -19.74 -9.82 17.24
C ARG C 94 -20.73 -8.66 17.32
N PRO C 95 -21.67 -8.71 18.29
CA PRO C 95 -22.69 -7.69 18.37
C PRO C 95 -22.13 -6.31 18.72
N LEU C 96 -22.85 -5.26 18.34
CA LEU C 96 -22.42 -3.89 18.60
C LEU C 96 -22.42 -3.58 20.09
N THR C 97 -23.32 -4.23 20.84
CA THR C 97 -23.45 -3.99 22.28
C THR C 97 -22.32 -4.59 23.12
N MET C 98 -21.31 -5.19 22.48
CA MET C 98 -20.14 -5.72 23.17
C MET C 98 -18.91 -4.83 23.04
N ARG C 99 -18.95 -3.86 22.13
CA ARG C 99 -17.80 -3.01 21.83
C ARG C 99 -17.34 -2.26 23.09
N LYS C 100 -16.09 -2.50 23.51
CA LYS C 100 -15.51 -1.86 24.69
C LYS C 100 -14.84 -0.54 24.33
N ASP C 101 -14.93 0.43 25.24
CA ASP C 101 -14.36 1.76 25.02
C ASP C 101 -12.87 1.77 25.31
N GLY C 102 -12.11 2.52 24.52
CA GLY C 102 -10.68 2.68 24.72
C GLY C 102 -9.88 1.43 24.39
N ILE C 103 -8.78 1.25 25.11
CA ILE C 103 -7.86 0.12 24.87
C ILE C 103 -7.57 -0.61 26.18
N GLN C 104 -7.48 -1.94 26.09
CA GLN C 104 -7.13 -2.78 27.23
C GLN C 104 -5.75 -3.43 27.00
N THR C 105 -5.04 -3.67 28.11
CA THR C 105 -3.73 -4.32 28.06
C THR C 105 -3.63 -5.35 29.18
N ARG C 106 -2.74 -6.33 29.01
CA ARG C 106 -2.59 -7.43 29.97
C ARG C 106 -1.13 -7.71 30.26
N ASN C 107 -0.82 -7.96 31.53
CA ASN C 107 0.53 -8.39 31.92
C ASN C 107 0.70 -9.88 31.67
N ARG C 108 1.14 -10.24 30.47
CA ARG C 108 1.39 -11.64 30.14
C ARG C 108 2.71 -12.10 30.73
N LYS C 109 2.68 -13.21 31.47
CA LYS C 109 3.89 -13.80 32.03
C LYS C 109 4.64 -14.57 30.95
N ALA C 110 5.90 -14.90 31.23
CA ALA C 110 6.75 -15.62 30.28
C ALA C 110 6.47 -17.12 30.33
N SER C 111 7.39 -17.91 29.76
CA SER C 111 7.33 -19.38 29.80
C SER C 111 6.12 -19.92 29.04
N ALA F 2 -3.50 25.49 -14.90
CA ALA F 2 -3.41 24.15 -14.27
C ALA F 2 -4.54 23.26 -14.77
N ARG F 3 -4.19 22.05 -15.20
CA ARG F 3 -5.16 21.12 -15.78
C ARG F 3 -6.19 20.69 -14.75
N GLU F 4 -7.46 20.70 -15.15
CA GLU F 4 -8.58 20.43 -14.26
C GLU F 4 -9.59 19.54 -14.99
N CYS F 5 -10.11 18.55 -14.27
CA CYS F 5 -11.13 17.64 -14.80
C CYS F 5 -12.44 18.40 -15.01
N VAL F 6 -12.97 18.38 -16.23
CA VAL F 6 -14.17 19.15 -16.58
C VAL F 6 -15.45 18.59 -15.97
N ASN F 7 -15.36 17.41 -15.36
CA ASN F 7 -16.51 16.78 -14.73
C ASN F 7 -16.59 17.05 -13.22
N CYS F 8 -15.58 16.62 -12.48
CA CYS F 8 -15.57 16.74 -11.02
C CYS F 8 -14.74 17.91 -10.51
N GLY F 9 -13.78 18.37 -11.30
CA GLY F 9 -12.94 19.52 -10.93
C GLY F 9 -11.63 19.13 -10.27
N ALA F 10 -11.31 17.84 -10.27
CA ALA F 10 -10.08 17.33 -9.66
C ALA F 10 -8.88 17.80 -10.44
N THR F 11 -7.83 18.20 -9.72
CA THR F 11 -6.57 18.64 -10.34
C THR F 11 -5.45 17.61 -10.16
N ALA F 12 -5.72 16.54 -9.42
CA ALA F 12 -4.77 15.45 -9.22
C ALA F 12 -5.40 14.13 -9.66
N THR F 13 -4.59 13.26 -10.26
CA THR F 13 -5.07 11.97 -10.77
C THR F 13 -3.91 11.09 -11.23
N PRO F 14 -4.04 9.76 -11.09
CA PRO F 14 -2.99 8.86 -11.58
C PRO F 14 -2.89 8.76 -13.10
N LEU F 15 -3.94 9.16 -13.83
CA LEU F 15 -3.92 9.14 -15.30
C LEU F 15 -4.99 10.07 -15.89
N TRP F 16 -4.54 11.13 -16.57
CA TRP F 16 -5.44 12.02 -17.27
C TRP F 16 -5.93 11.37 -18.56
N ARG F 17 -7.22 11.51 -18.83
CA ARG F 17 -7.83 10.98 -20.06
C ARG F 17 -8.53 12.14 -20.79
N ARG F 18 -9.23 11.81 -21.88
CA ARG F 18 -9.94 12.82 -22.66
C ARG F 18 -11.32 12.35 -23.07
N ASP F 19 -12.22 13.30 -23.31
CA ASP F 19 -13.53 13.02 -23.87
C ASP F 19 -13.47 13.15 -25.40
N ARG F 20 -14.62 13.00 -26.06
CA ARG F 20 -14.67 13.03 -27.53
C ARG F 20 -14.34 14.40 -28.11
N THR F 21 -14.75 15.47 -27.40
CA THR F 21 -14.46 16.84 -27.84
C THR F 21 -13.00 17.24 -27.59
N GLY F 22 -12.30 16.47 -26.74
CA GLY F 22 -10.88 16.66 -26.51
C GLY F 22 -10.53 17.23 -25.14
N HIS F 23 -11.53 17.46 -24.30
CA HIS F 23 -11.31 18.08 -22.99
C HIS F 23 -10.93 17.03 -21.96
N TYR F 24 -10.31 17.49 -20.87
CA TYR F 24 -9.67 16.58 -19.92
C TYR F 24 -10.60 16.02 -18.85
N LEU F 25 -10.36 14.76 -18.50
CA LEU F 25 -11.07 14.07 -17.41
C LEU F 25 -10.07 13.26 -16.61
N CYS F 26 -10.29 13.16 -15.30
CA CYS F 26 -9.46 12.31 -14.44
C CYS F 26 -9.75 10.85 -14.76
N ASN F 27 -8.85 9.96 -14.33
CA ASN F 27 -8.97 8.53 -14.63
C ASN F 27 -10.36 7.98 -14.32
N ALA F 28 -10.91 8.37 -13.17
CA ALA F 28 -12.22 7.87 -12.72
C ALA F 28 -13.35 8.35 -13.62
N CYS F 29 -13.39 9.65 -13.87
CA CYS F 29 -14.41 10.24 -14.73
C CYS F 29 -14.28 9.76 -16.17
N GLY F 30 -13.04 9.55 -16.62
CA GLY F 30 -12.77 9.12 -17.98
C GLY F 30 -13.24 7.70 -18.26
N LEU F 31 -12.94 6.79 -17.35
CA LEU F 31 -13.36 5.40 -17.46
C LEU F 31 -14.88 5.24 -17.33
N TYR F 32 -15.49 6.07 -16.48
CA TYR F 32 -16.93 6.00 -16.24
C TYR F 32 -17.73 6.43 -17.46
N HIS F 33 -17.36 7.56 -18.05
CA HIS F 33 -18.06 8.09 -19.23
C HIS F 33 -17.88 7.19 -20.45
N LYS F 34 -16.72 6.55 -20.55
CA LYS F 34 -16.45 5.63 -21.67
C LYS F 34 -17.21 4.32 -21.49
N MET F 35 -17.27 3.83 -20.25
CA MET F 35 -17.99 2.60 -19.92
C MET F 35 -19.50 2.82 -20.00
N ASN F 36 -20.00 3.80 -19.25
CA ASN F 36 -21.43 3.98 -19.04
C ASN F 36 -22.11 4.93 -20.03
N GLY F 37 -21.36 5.86 -20.61
CA GLY F 37 -21.93 6.83 -21.55
C GLY F 37 -22.74 7.91 -20.85
N GLN F 38 -22.26 8.33 -19.68
CA GLN F 38 -22.89 9.40 -18.91
C GLN F 38 -21.92 9.89 -17.84
N ASN F 39 -22.13 11.11 -17.37
CA ASN F 39 -21.18 11.75 -16.45
C ASN F 39 -21.15 11.07 -15.09
N ARG F 40 -19.95 10.99 -14.51
CA ARG F 40 -19.74 10.38 -13.20
C ARG F 40 -20.37 11.25 -12.11
N PRO F 41 -21.21 10.65 -11.25
CA PRO F 41 -21.89 11.42 -10.20
C PRO F 41 -20.95 11.87 -9.08
N LEU F 42 -21.38 12.86 -8.32
CA LEU F 42 -20.58 13.44 -7.26
C LEU F 42 -21.27 13.33 -5.91
N THR F 57 8.98 4.40 -4.12
CA THR F 57 8.95 3.76 -5.43
C THR F 57 9.93 4.43 -6.40
N GLN F 58 10.90 3.65 -6.88
CA GLN F 58 11.92 4.15 -7.80
C GLN F 58 12.21 3.15 -8.92
N CYS F 59 12.89 3.62 -9.96
CA CYS F 59 13.23 2.78 -11.12
C CYS F 59 14.31 1.77 -10.76
N THR F 60 14.19 0.57 -11.32
CA THR F 60 15.18 -0.49 -11.09
C THR F 60 16.47 -0.20 -11.86
N ASN F 61 16.31 0.26 -13.10
CA ASN F 61 17.44 0.60 -13.96
C ASN F 61 18.08 1.94 -13.59
N CYS F 62 17.41 3.05 -13.93
CA CYS F 62 18.00 4.39 -13.81
C CYS F 62 17.83 5.05 -12.43
N GLN F 63 17.16 4.37 -11.51
CA GLN F 63 17.03 4.82 -10.11
C GLN F 63 16.28 6.14 -9.93
N THR F 64 15.53 6.57 -10.93
CA THR F 64 14.73 7.80 -10.86
C THR F 64 13.46 7.55 -10.05
N THR F 65 12.94 8.61 -9.45
CA THR F 65 11.72 8.53 -8.63
C THR F 65 10.56 9.38 -9.15
N THR F 66 10.74 10.02 -10.31
CA THR F 66 9.72 10.90 -10.87
C THR F 66 9.38 10.52 -12.31
N THR F 67 8.18 9.97 -12.51
CA THR F 67 7.70 9.60 -13.83
C THR F 67 6.18 9.80 -13.89
N THR F 68 5.66 10.02 -15.09
CA THR F 68 4.22 10.17 -15.29
C THR F 68 3.51 8.82 -15.38
N LEU F 69 4.29 7.75 -15.59
CA LEU F 69 3.73 6.40 -15.72
C LEU F 69 4.79 5.34 -15.42
N TRP F 70 4.54 4.53 -14.39
CA TRP F 70 5.42 3.41 -14.06
C TRP F 70 5.09 2.21 -14.92
N ARG F 71 6.10 1.42 -15.25
CA ARG F 71 5.94 0.19 -16.00
C ARG F 71 6.72 -0.91 -15.31
N ARG F 72 6.52 -2.16 -15.75
CA ARG F 72 7.21 -3.30 -15.17
C ARG F 72 8.11 -3.96 -16.22
N ASN F 73 9.29 -4.39 -15.80
CA ASN F 73 10.21 -5.13 -16.68
C ASN F 73 9.80 -6.61 -16.75
N ALA F 74 10.60 -7.42 -17.46
CA ALA F 74 10.31 -8.84 -17.62
C ALA F 74 10.17 -9.58 -16.27
N SER F 75 11.09 -9.29 -15.34
CA SER F 75 11.11 -9.93 -14.03
C SER F 75 9.94 -9.49 -13.14
N GLY F 76 9.42 -8.29 -13.40
CA GLY F 76 8.28 -7.75 -12.65
C GLY F 76 8.64 -6.63 -11.69
N ASP F 77 9.83 -6.04 -11.86
CA ASP F 77 10.26 -4.90 -11.05
C ASP F 77 9.82 -3.60 -11.72
N PRO F 78 9.60 -2.54 -10.92
CA PRO F 78 9.12 -1.28 -11.48
C PRO F 78 10.24 -0.50 -12.17
N VAL F 79 10.01 -0.10 -13.43
CA VAL F 79 10.92 0.77 -14.16
C VAL F 79 10.16 2.03 -14.59
N CYS F 80 10.88 3.10 -14.87
CA CYS F 80 10.24 4.36 -15.29
C CYS F 80 9.68 4.23 -16.70
N ASN F 81 8.94 5.25 -17.15
CA ASN F 81 8.36 5.24 -18.50
C ASN F 81 9.43 5.12 -19.56
N ALA F 82 10.48 5.92 -19.43
CA ALA F 82 11.57 5.95 -20.41
C ALA F 82 12.28 4.60 -20.46
N CYS F 83 12.75 4.14 -19.30
CA CYS F 83 13.46 2.86 -19.20
C CYS F 83 12.63 1.69 -19.71
N GLY F 84 11.33 1.73 -19.44
CA GLY F 84 10.41 0.69 -19.89
C GLY F 84 10.26 0.68 -21.39
N LEU F 85 9.92 1.83 -21.96
CA LEU F 85 9.70 1.95 -23.40
C LEU F 85 10.99 1.72 -24.20
N TYR F 86 12.12 2.02 -23.59
CA TYR F 86 13.43 1.85 -24.24
C TYR F 86 13.79 0.37 -24.42
N PHE F 87 13.66 -0.41 -23.35
CA PHE F 87 13.96 -1.85 -23.41
C PHE F 87 13.02 -2.57 -24.38
N LYS F 88 11.77 -2.10 -24.42
CA LYS F 88 10.77 -2.64 -25.34
C LYS F 88 11.19 -2.46 -26.81
N LEU F 89 12.00 -1.43 -27.06
CA LEU F 89 12.39 -1.05 -28.42
C LEU F 89 13.84 -1.43 -28.77
N HIS F 90 14.65 -1.74 -27.76
CA HIS F 90 16.06 -2.13 -27.97
C HIS F 90 16.43 -3.53 -27.46
N GLN F 91 15.58 -4.10 -26.61
CA GLN F 91 15.89 -5.34 -25.88
C GLN F 91 17.19 -5.23 -25.06
N VAL F 92 17.48 -4.01 -24.61
CA VAL F 92 18.66 -3.71 -23.79
C VAL F 92 18.29 -2.57 -22.86
N ASN F 93 18.76 -2.63 -21.61
CA ASN F 93 18.42 -1.61 -20.62
C ASN F 93 18.89 -0.23 -21.05
N ARG F 94 18.14 0.79 -20.63
CA ARG F 94 18.44 2.17 -20.98
C ARG F 94 19.72 2.62 -20.27
N PRO F 95 20.71 3.12 -21.04
CA PRO F 95 21.99 3.49 -20.45
C PRO F 95 21.87 4.73 -19.57
N LEU F 96 22.77 4.82 -18.59
CA LEU F 96 22.77 5.94 -17.64
C LEU F 96 23.04 7.27 -18.33
N THR F 97 23.83 7.23 -19.40
CA THR F 97 24.20 8.44 -20.14
C THR F 97 23.07 9.06 -20.97
N MET F 98 21.88 8.47 -20.92
CA MET F 98 20.70 9.02 -21.60
C MET F 98 19.76 9.77 -20.67
N ARG F 99 19.91 9.59 -19.35
CA ARG F 99 19.02 10.19 -18.37
C ARG F 99 18.95 11.72 -18.54
N LYS F 100 17.74 12.24 -18.69
CA LYS F 100 17.53 13.67 -18.90
C LYS F 100 17.21 14.38 -17.58
N ASP F 101 17.70 15.61 -17.43
CA ASP F 101 17.50 16.39 -16.21
C ASP F 101 16.11 17.02 -16.18
N GLY F 102 15.50 17.04 -15.01
CA GLY F 102 14.21 17.68 -14.81
C GLY F 102 13.05 16.91 -15.41
N ILE F 103 12.01 17.63 -15.81
CA ILE F 103 10.80 17.03 -16.39
C ILE F 103 10.47 17.70 -17.73
N GLN F 104 10.06 16.89 -18.70
CA GLN F 104 9.66 17.38 -20.02
C GLN F 104 8.16 17.20 -20.21
N THR F 105 7.55 18.12 -20.96
CA THR F 105 6.12 18.06 -21.26
C THR F 105 5.90 18.34 -22.74
N ARG F 106 4.77 17.87 -23.26
CA ARG F 106 4.47 17.99 -24.69
C ARG F 106 3.05 18.47 -24.90
N ASN F 107 2.87 19.36 -25.87
CA ASN F 107 1.55 19.88 -26.23
C ASN F 107 0.88 18.96 -27.25
N ARG F 108 0.18 17.94 -26.74
CA ARG F 108 -0.49 16.97 -27.60
C ARG F 108 -1.82 17.52 -28.12
N LYS F 109 -2.01 17.45 -29.44
CA LYS F 109 -3.27 17.86 -30.06
C LYS F 109 -4.32 16.77 -29.87
N ALA F 110 -5.57 17.10 -30.17
CA ALA F 110 -6.68 16.16 -30.04
C ALA F 110 -6.75 15.23 -31.25
N SER F 111 -7.90 14.59 -31.45
CA SER F 111 -8.15 13.73 -32.60
C SER F 111 -7.21 12.52 -32.62
ZN ZN G . -20.41 -16.00 24.17
ZN ZN H . 7.28 -19.00 2.21
ZN ZN I . -7.15 -16.09 35.42
ZN ZN J . 14.60 -5.28 16.66
ZN ZN K . -14.08 -5.26 14.92
ZN ZN L . 17.02 -11.97 26.81
ZN ZN M . 18.22 3.73 -30.11
ZN ZN N . -11.87 -7.28 -14.84
ZN ZN O . 7.21 15.95 -35.36
ZN ZN P . -13.12 13.80 -12.57
ZN ZN Q . 14.13 4.53 -15.25
ZN ZN R . -21.32 12.58 -22.35
ZN ZN S . -11.54 25.96 -12.61
ZN ZN T . -15.98 18.27 -23.70
#